data_1KO6
#
_entry.id   1KO6
#
_cell.length_a   89.9
_cell.length_b   89.9
_cell.length_c   203.2
_cell.angle_alpha   90
_cell.angle_beta   90
_cell.angle_gamma   90
#
_symmetry.space_group_name_H-M   'P 41 21 2'
#
loop_
_entity.id
_entity.type
_entity.pdbx_description
1 polymer 'Nuclear Pore Complex Protein Nup98'
2 polymer 'Nuclear Pore Complex Protein Nup98'
#
loop_
_entity_poly.entity_id
_entity_poly.type
_entity_poly.pdbx_seq_one_letter_code
_entity_poly.pdbx_strand_id
1 'polypeptide(L)'
;MAALRNGLEGSSEETSFHDESLQDDREEIENNSYHMHPAGIILTKVGYYTIPSMDDLAKITNEKGECIVSDFTIGRKGYG
SIYFEGDVNLTNLNLDDIVHIRRKEVVVYLDDNQKPPVGEGLNRKAEVTLDGVWPTDKTSRCLIKSPDRLADINYEGRLE
AVSRKQGAQFKEYRPETGSWVFKVSHF
;
A,C
2 'polypeptide(L)' SKYGLQDSDEEEEEHPSKTSTKKLKTAPLPPASQTTPLQMALNGKPAPPPQVEKKGQLEHHHHH B,D
#
# COMPACT_ATOMS: atom_id res chain seq x y z
N MET A 36 21.32 18.08 0.89
CA MET A 36 20.75 16.70 0.88
C MET A 36 21.86 15.68 1.19
N HIS A 37 21.54 14.76 2.09
CA HIS A 37 22.40 13.67 2.59
C HIS A 37 23.74 13.31 1.93
N PRO A 38 24.81 13.22 2.76
CA PRO A 38 26.17 12.88 2.32
C PRO A 38 26.28 11.57 1.56
N ALA A 39 25.63 10.54 2.08
CA ALA A 39 25.69 9.26 1.42
C ALA A 39 24.88 9.34 0.14
N GLY A 40 23.96 10.29 0.08
CA GLY A 40 23.14 10.42 -1.11
C GLY A 40 21.85 9.66 -0.91
N ILE A 41 21.62 9.29 0.34
CA ILE A 41 20.42 8.56 0.72
C ILE A 41 19.22 9.47 0.65
N ILE A 42 18.06 8.90 0.37
CA ILE A 42 16.83 9.66 0.30
C ILE A 42 15.72 8.96 1.05
N LEU A 43 15.21 9.64 2.07
CA LEU A 43 14.13 9.14 2.88
C LEU A 43 13.37 10.37 3.30
N THR A 44 12.20 10.54 2.71
CA THR A 44 11.38 11.71 2.95
C THR A 44 10.00 11.40 3.49
N LYS A 45 9.40 10.32 2.99
CA LYS A 45 8.07 9.95 3.42
C LYS A 45 7.92 10.15 4.92
N VAL A 46 6.87 10.84 5.34
CA VAL A 46 6.65 11.09 6.76
C VAL A 46 6.29 9.78 7.42
N GLY A 47 6.88 9.54 8.58
CA GLY A 47 6.63 8.31 9.32
C GLY A 47 7.75 7.32 9.16
N TYR A 48 8.39 7.34 8.00
CA TYR A 48 9.50 6.44 7.71
C TYR A 48 10.75 6.94 8.44
N TYR A 49 11.59 6.01 8.88
CA TYR A 49 12.82 6.35 9.60
C TYR A 49 13.82 5.23 9.44
N THR A 50 14.97 5.40 10.08
CA THR A 50 16.02 4.40 9.99
C THR A 50 16.76 4.22 11.29
N ILE A 51 17.41 3.07 11.41
CA ILE A 51 18.23 2.73 12.57
C ILE A 51 19.53 2.19 12.01
N PRO A 52 20.62 2.96 12.10
CA PRO A 52 20.72 4.29 12.71
C PRO A 52 19.93 5.38 11.99
N SER A 53 19.69 6.48 12.69
CA SER A 53 18.95 7.60 12.13
C SER A 53 19.70 8.10 10.92
N MET A 54 19.01 8.79 10.01
CA MET A 54 19.69 9.32 8.83
C MET A 54 20.83 10.16 9.39
N ASP A 55 20.47 11.07 10.30
CA ASP A 55 21.45 11.95 10.92
C ASP A 55 22.69 11.15 11.31
N ASP A 56 22.51 10.00 11.96
CA ASP A 56 23.67 9.18 12.32
C ASP A 56 24.33 8.76 11.01
N LEU A 57 23.58 8.00 10.21
CA LEU A 57 24.09 7.51 8.95
C LEU A 57 25.01 8.49 8.22
N ALA A 58 24.66 9.77 8.22
CA ALA A 58 25.48 10.79 7.56
C ALA A 58 26.91 10.79 8.12
N LYS A 59 27.01 10.90 9.44
CA LYS A 59 28.31 10.88 10.10
C LYS A 59 29.07 9.63 9.66
N ILE A 60 28.44 8.47 9.76
CA ILE A 60 29.11 7.24 9.36
C ILE A 60 29.54 7.20 7.88
N THR A 61 28.88 7.95 6.99
CA THR A 61 29.28 7.91 5.57
C THR A 61 30.65 8.55 5.34
N ASN A 62 31.49 7.90 4.52
CA ASN A 62 32.83 8.39 4.26
C ASN A 62 32.95 9.65 3.41
N GLU A 63 34.19 10.06 3.15
CA GLU A 63 34.47 11.27 2.40
C GLU A 63 34.13 11.13 0.93
N LYS A 64 33.61 9.98 0.53
CA LYS A 64 33.26 9.79 -0.88
C LYS A 64 31.77 9.59 -1.10
N GLY A 65 30.96 9.97 -0.12
CA GLY A 65 29.53 9.81 -0.26
C GLY A 65 29.14 8.37 0.00
N GLU A 66 30.13 7.48 0.07
CA GLU A 66 29.87 6.07 0.32
C GLU A 66 29.33 5.82 1.74
N CYS A 67 28.50 4.79 1.87
CA CYS A 67 27.93 4.51 3.18
C CYS A 67 27.43 3.10 3.44
N ILE A 68 28.25 2.33 4.13
CA ILE A 68 27.95 0.96 4.49
C ILE A 68 27.69 0.94 6.00
N VAL A 69 26.65 0.23 6.42
CA VAL A 69 26.32 0.13 7.84
C VAL A 69 25.86 -1.28 8.17
N SER A 70 26.30 -1.78 9.32
CA SER A 70 25.92 -3.13 9.71
C SER A 70 24.63 -2.97 10.45
N ASP A 71 23.87 -4.06 10.52
CA ASP A 71 22.58 -4.07 11.19
C ASP A 71 21.88 -2.74 10.92
N PHE A 72 21.17 -2.69 9.80
CA PHE A 72 20.46 -1.50 9.37
C PHE A 72 18.98 -1.79 9.49
N THR A 73 18.21 -0.73 9.71
CA THR A 73 16.76 -0.86 9.83
C THR A 73 16.06 0.32 9.19
N ILE A 74 15.06 0.00 8.38
CA ILE A 74 14.23 0.98 7.70
C ILE A 74 12.81 0.69 8.21
N GLY A 75 12.22 1.66 8.91
CA GLY A 75 10.87 1.47 9.43
C GLY A 75 9.94 2.64 9.15
N ARG A 76 8.64 2.39 9.35
CA ARG A 76 7.61 3.40 9.16
C ARG A 76 6.70 3.28 10.37
N LYS A 77 6.85 4.21 11.31
CA LYS A 77 6.08 4.20 12.55
C LYS A 77 4.62 3.76 12.49
N GLY A 78 4.30 2.70 13.23
CA GLY A 78 2.94 2.21 13.28
C GLY A 78 2.59 1.20 12.23
N TYR A 79 3.42 1.05 11.21
CA TYR A 79 3.12 0.09 10.16
C TYR A 79 4.04 -1.12 10.21
N GLY A 80 5.33 -0.84 10.37
CA GLY A 80 6.28 -1.93 10.43
C GLY A 80 7.69 -1.46 10.21
N SER A 81 8.56 -2.41 9.88
CA SER A 81 9.96 -2.14 9.66
C SER A 81 10.66 -3.38 9.16
N ILE A 82 11.69 -3.17 8.37
CA ILE A 82 12.50 -4.24 7.83
C ILE A 82 13.85 -4.05 8.45
N TYR A 83 14.47 -5.14 8.84
CA TYR A 83 15.79 -5.08 9.46
C TYR A 83 16.78 -5.95 8.70
N PHE A 84 17.90 -5.36 8.33
CA PHE A 84 18.92 -6.11 7.60
C PHE A 84 20.09 -6.21 8.55
N GLU A 85 20.45 -7.43 8.92
CA GLU A 85 21.55 -7.60 9.84
C GLU A 85 22.85 -7.63 9.05
N GLY A 86 23.91 -7.11 9.63
CA GLY A 86 25.18 -7.12 8.93
C GLY A 86 25.32 -5.96 7.96
N ASP A 87 26.40 -5.97 7.20
CA ASP A 87 26.66 -4.90 6.24
C ASP A 87 25.60 -4.69 5.16
N VAL A 88 25.28 -3.42 4.95
CA VAL A 88 24.31 -3.04 3.94
C VAL A 88 24.92 -1.81 3.29
N ASN A 89 24.73 -1.67 1.99
CA ASN A 89 25.31 -0.52 1.30
C ASN A 89 24.26 0.50 0.87
N LEU A 90 23.90 1.41 1.76
CA LEU A 90 22.90 2.43 1.48
C LEU A 90 23.31 3.48 0.47
N THR A 91 24.56 3.45 0.04
CA THR A 91 25.06 4.43 -0.90
C THR A 91 24.09 4.83 -2.01
N ASN A 92 23.80 6.12 -2.06
CA ASN A 92 22.90 6.67 -3.06
C ASN A 92 21.57 5.97 -3.16
N LEU A 93 21.16 5.24 -2.13
CA LEU A 93 19.88 4.58 -2.20
C LEU A 93 18.74 5.56 -1.94
N ASN A 94 17.74 5.54 -2.80
CA ASN A 94 16.59 6.39 -2.60
C ASN A 94 15.56 5.47 -1.97
N LEU A 95 15.59 5.40 -0.65
CA LEU A 95 14.70 4.56 0.11
C LEU A 95 13.25 4.89 -0.18
N ASP A 96 12.96 6.17 -0.30
CA ASP A 96 11.61 6.63 -0.59
C ASP A 96 11.05 5.79 -1.72
N ASP A 97 11.76 5.80 -2.85
CA ASP A 97 11.34 5.04 -4.00
C ASP A 97 11.36 3.54 -3.76
N ILE A 98 12.46 3.04 -3.18
CA ILE A 98 12.64 1.62 -2.95
C ILE A 98 11.76 0.87 -1.94
N VAL A 99 11.77 1.30 -0.69
CA VAL A 99 11.00 0.58 0.33
C VAL A 99 9.67 1.18 0.74
N HIS A 100 8.64 0.35 0.71
CA HIS A 100 7.29 0.75 1.07
C HIS A 100 6.76 -0.20 2.12
N ILE A 101 6.44 0.37 3.29
CA ILE A 101 5.95 -0.41 4.40
C ILE A 101 4.50 -0.06 4.68
N ARG A 102 3.56 -0.92 4.28
CA ARG A 102 2.14 -0.67 4.49
C ARG A 102 1.49 -1.68 5.42
N ARG A 103 0.27 -1.42 5.84
CA ARG A 103 -0.44 -2.31 6.75
C ARG A 103 -0.48 -3.74 6.26
N LYS A 104 0.06 -4.66 7.05
CA LYS A 104 0.04 -6.07 6.71
C LYS A 104 0.61 -6.28 5.33
N GLU A 105 1.72 -5.62 5.03
CA GLU A 105 2.29 -5.78 3.72
C GLU A 105 3.47 -4.87 3.47
N VAL A 106 4.62 -5.47 3.19
CA VAL A 106 5.81 -4.69 2.91
C VAL A 106 6.26 -5.02 1.48
N VAL A 107 6.87 -4.04 0.82
CA VAL A 107 7.36 -4.27 -0.54
C VAL A 107 8.65 -3.52 -0.77
N VAL A 108 9.68 -4.23 -1.24
CA VAL A 108 10.96 -3.59 -1.48
C VAL A 108 11.24 -3.65 -2.96
N TYR A 109 11.66 -2.53 -3.52
CA TYR A 109 11.89 -2.44 -4.95
C TYR A 109 10.54 -2.73 -5.60
N LEU A 110 9.82 -1.65 -5.91
CA LEU A 110 8.50 -1.75 -6.54
C LEU A 110 8.63 -2.73 -7.67
N ASP A 111 8.95 -2.19 -8.85
CA ASP A 111 9.12 -3.04 -10.00
C ASP A 111 10.62 -3.18 -10.22
N ASP A 112 11.03 -4.38 -10.61
CA ASP A 112 12.43 -4.69 -10.88
C ASP A 112 13.01 -3.84 -12.02
N ASN A 113 12.93 -2.51 -11.88
CA ASN A 113 13.50 -1.59 -12.88
C ASN A 113 14.91 -1.27 -12.39
N GLN A 114 15.02 -1.16 -11.07
CA GLN A 114 16.27 -0.89 -10.40
C GLN A 114 16.48 -1.95 -9.32
N LYS A 115 15.84 -3.11 -9.43
CA LYS A 115 16.05 -4.13 -8.40
C LYS A 115 17.37 -4.86 -8.64
N PRO A 116 18.32 -4.72 -7.70
CA PRO A 116 19.65 -5.33 -7.75
C PRO A 116 19.60 -6.83 -7.70
N PRO A 117 20.69 -7.48 -8.12
CA PRO A 117 20.72 -8.93 -8.08
C PRO A 117 20.54 -9.30 -6.61
N VAL A 118 20.09 -10.52 -6.32
CA VAL A 118 19.92 -10.91 -4.92
C VAL A 118 21.23 -10.69 -4.15
N GLY A 119 21.12 -10.51 -2.84
CA GLY A 119 22.32 -10.30 -2.04
C GLY A 119 22.82 -8.87 -2.19
N GLU A 120 22.21 -8.12 -3.11
CA GLU A 120 22.58 -6.73 -3.37
C GLU A 120 21.63 -5.69 -2.79
N GLY A 121 22.18 -4.54 -2.45
CA GLY A 121 21.33 -3.48 -1.90
C GLY A 121 20.42 -3.96 -0.79
N LEU A 122 19.11 -3.79 -0.96
CA LEU A 122 18.16 -4.22 0.05
C LEU A 122 17.47 -5.46 -0.43
N ASN A 123 17.92 -5.95 -1.58
CA ASN A 123 17.33 -7.14 -2.15
C ASN A 123 17.91 -8.36 -1.46
N ARG A 124 18.65 -8.11 -0.38
CA ARG A 124 19.24 -9.20 0.36
C ARG A 124 18.25 -9.86 1.30
N LYS A 125 18.78 -10.54 2.31
CA LYS A 125 17.93 -11.20 3.27
C LYS A 125 17.62 -10.15 4.30
N ALA A 126 16.44 -10.25 4.90
CA ALA A 126 16.04 -9.30 5.93
C ALA A 126 14.96 -9.86 6.82
N GLU A 127 14.68 -9.15 7.90
CA GLU A 127 13.65 -9.56 8.84
C GLU A 127 12.46 -8.61 8.83
N VAL A 128 11.49 -8.90 7.97
CA VAL A 128 10.29 -8.09 7.89
C VAL A 128 9.54 -8.12 9.21
N THR A 129 9.03 -6.97 9.63
CA THR A 129 8.26 -6.86 10.86
C THR A 129 7.06 -5.99 10.54
N LEU A 130 5.88 -6.60 10.54
CA LEU A 130 4.65 -5.90 10.20
C LEU A 130 3.74 -5.64 11.39
N ASP A 131 3.66 -4.39 11.83
CA ASP A 131 2.80 -4.11 12.97
C ASP A 131 1.33 -3.96 12.63
N GLY A 132 0.54 -3.67 13.67
CA GLY A 132 -0.88 -3.49 13.50
C GLY A 132 -1.59 -4.61 12.77
N VAL A 133 -1.02 -5.82 12.78
CA VAL A 133 -1.68 -6.92 12.11
C VAL A 133 -2.61 -7.66 13.05
N TRP A 134 -3.88 -7.71 12.69
CA TRP A 134 -4.92 -8.35 13.47
C TRP A 134 -6.02 -8.81 12.54
N PRO A 135 -6.80 -9.81 12.94
CA PRO A 135 -7.87 -10.24 12.04
C PRO A 135 -9.14 -9.50 12.49
N THR A 136 -10.15 -9.47 11.64
CA THR A 136 -11.39 -8.79 11.99
C THR A 136 -12.52 -9.81 11.77
N ASP A 137 -13.45 -9.95 12.72
CA ASP A 137 -14.52 -10.92 12.47
C ASP A 137 -15.56 -10.31 11.51
N LYS A 138 -16.12 -11.16 10.65
CA LYS A 138 -17.12 -10.73 9.66
C LYS A 138 -18.28 -9.97 10.32
N THR A 139 -18.77 -10.50 11.43
CA THR A 139 -19.87 -9.88 12.16
C THR A 139 -19.54 -8.47 12.66
N SER A 140 -18.91 -8.37 13.81
CA SER A 140 -18.52 -7.08 14.40
C SER A 140 -17.67 -6.20 13.47
N ARG A 141 -16.78 -6.80 12.67
CA ARG A 141 -15.92 -6.05 11.77
C ARG A 141 -15.23 -4.99 12.63
N CYS A 142 -14.79 -5.40 13.81
CA CYS A 142 -14.18 -4.46 14.73
C CYS A 142 -12.78 -4.93 15.17
N LEU A 143 -12.09 -5.65 14.29
CA LEU A 143 -10.77 -6.17 14.62
C LEU A 143 -10.90 -7.14 15.77
N ILE A 144 -9.77 -7.71 16.17
CA ILE A 144 -9.73 -8.70 17.26
C ILE A 144 -8.35 -8.57 17.90
N LYS A 145 -8.29 -8.21 19.16
CA LYS A 145 -6.98 -8.08 19.78
C LYS A 145 -6.83 -9.00 20.99
N SER A 146 -7.95 -9.54 21.47
CA SER A 146 -7.88 -10.43 22.61
C SER A 146 -6.86 -11.51 22.34
N PRO A 147 -5.73 -11.48 23.07
CA PRO A 147 -4.74 -12.53 22.84
C PRO A 147 -5.42 -13.88 23.04
N ASP A 148 -6.46 -13.91 23.85
CA ASP A 148 -7.23 -15.14 24.07
C ASP A 148 -7.97 -15.49 22.78
N ARG A 149 -8.71 -14.52 22.25
CA ARG A 149 -9.48 -14.69 21.01
C ARG A 149 -8.57 -15.13 19.87
N LEU A 150 -7.42 -14.46 19.74
CA LEU A 150 -6.44 -14.79 18.71
C LEU A 150 -5.98 -16.23 18.91
N ALA A 151 -5.46 -16.49 20.11
CA ALA A 151 -4.98 -17.83 20.49
C ALA A 151 -6.02 -18.89 20.17
N ASP A 152 -7.28 -18.61 20.49
CA ASP A 152 -8.30 -19.59 20.22
C ASP A 152 -8.41 -19.80 18.70
N ILE A 153 -8.53 -18.72 17.92
CA ILE A 153 -8.63 -18.85 16.47
C ILE A 153 -7.30 -19.22 15.81
N ASN A 154 -6.24 -19.25 16.63
CA ASN A 154 -4.89 -19.58 16.17
C ASN A 154 -4.47 -18.70 14.98
N TYR A 155 -4.47 -17.39 15.23
CA TYR A 155 -4.11 -16.43 14.20
C TYR A 155 -2.67 -16.66 13.81
N GLU A 156 -1.79 -16.77 14.81
CA GLU A 156 -0.37 -17.02 14.54
C GLU A 156 -0.34 -18.07 13.46
N GLY A 157 -1.00 -19.18 13.77
CA GLY A 157 -1.06 -20.29 12.86
C GLY A 157 -1.19 -19.86 11.42
N ARG A 158 -2.26 -19.13 11.13
CA ARG A 158 -2.49 -18.64 9.77
C ARG A 158 -1.34 -17.76 9.31
N LEU A 159 -0.99 -16.81 10.17
CA LEU A 159 0.11 -15.94 9.83
C LEU A 159 1.31 -16.78 9.41
N GLU A 160 1.85 -17.56 10.34
CA GLU A 160 3.00 -18.41 10.03
C GLU A 160 2.72 -19.25 8.77
N ALA A 161 1.46 -19.64 8.59
CA ALA A 161 1.07 -20.44 7.44
C ALA A 161 1.44 -19.67 6.18
N VAL A 162 0.83 -18.49 6.04
CA VAL A 162 1.08 -17.61 4.92
C VAL A 162 2.58 -17.47 4.73
N SER A 163 3.26 -16.88 5.72
CA SER A 163 4.71 -16.66 5.66
C SER A 163 5.43 -17.86 5.03
N ARG A 164 4.97 -19.05 5.43
CA ARG A 164 5.56 -20.26 4.86
C ARG A 164 5.31 -20.33 3.36
N LYS A 165 4.05 -20.11 2.96
CA LYS A 165 3.67 -20.12 1.55
C LYS A 165 4.45 -19.09 0.74
N GLN A 166 4.60 -17.88 1.27
CA GLN A 166 5.33 -16.81 0.60
C GLN A 166 6.83 -17.11 0.52
N GLY A 167 7.27 -18.22 1.08
CA GLY A 167 8.68 -18.52 1.05
C GLY A 167 9.45 -17.77 2.12
N ALA A 168 8.79 -17.41 3.22
CA ALA A 168 9.45 -16.70 4.31
C ALA A 168 9.54 -17.62 5.53
N GLN A 169 10.38 -17.27 6.51
CA GLN A 169 10.48 -18.09 7.70
C GLN A 169 9.82 -17.38 8.85
N PHE A 170 8.59 -17.80 9.16
CA PHE A 170 7.85 -17.20 10.25
C PHE A 170 8.73 -17.10 11.47
N LYS A 171 8.75 -15.94 12.10
CA LYS A 171 9.55 -15.80 13.30
C LYS A 171 8.64 -15.72 14.52
N GLU A 172 7.68 -14.80 14.51
CA GLU A 172 6.78 -14.70 15.66
C GLU A 172 5.55 -13.87 15.40
N TYR A 173 4.84 -13.55 16.47
CA TYR A 173 3.64 -12.75 16.41
C TYR A 173 3.33 -12.15 17.77
N ARG A 174 3.53 -10.84 17.89
CA ARG A 174 3.25 -10.18 19.14
C ARG A 174 1.85 -9.54 19.03
N PRO A 175 0.83 -10.20 19.63
CA PRO A 175 -0.57 -9.77 19.64
C PRO A 175 -0.82 -8.43 20.30
N GLU A 176 0.01 -8.05 21.25
CA GLU A 176 -0.18 -6.78 21.93
C GLU A 176 -0.17 -5.72 20.86
N THR A 177 0.77 -5.83 19.94
CA THR A 177 0.92 -4.84 18.88
C THR A 177 0.69 -5.38 17.50
N GLY A 178 -0.11 -6.43 17.37
CA GLY A 178 -0.35 -7.00 16.05
C GLY A 178 0.91 -7.10 15.19
N SER A 179 2.04 -7.37 15.83
CA SER A 179 3.31 -7.51 15.13
C SER A 179 3.51 -8.91 14.58
N TRP A 180 3.71 -9.00 13.28
CA TRP A 180 3.91 -10.27 12.61
C TRP A 180 5.31 -10.22 12.04
N VAL A 181 6.26 -10.80 12.75
CA VAL A 181 7.63 -10.78 12.26
C VAL A 181 7.98 -12.04 11.52
N PHE A 182 8.69 -11.89 10.41
CA PHE A 182 9.11 -13.02 9.62
C PHE A 182 10.34 -12.68 8.80
N LYS A 183 11.15 -13.69 8.47
CA LYS A 183 12.36 -13.47 7.68
C LYS A 183 12.16 -13.83 6.23
N VAL A 184 12.81 -13.06 5.36
CA VAL A 184 12.77 -13.29 3.93
C VAL A 184 14.22 -13.48 3.55
N SER A 185 14.46 -14.25 2.49
CA SER A 185 15.81 -14.53 1.99
C SER A 185 16.26 -13.32 1.18
N HIS A 186 15.37 -12.85 0.33
CA HIS A 186 15.60 -11.68 -0.51
C HIS A 186 14.22 -11.08 -0.72
N PHE A 187 14.11 -10.12 -1.64
CA PHE A 187 12.82 -9.49 -1.91
C PHE A 187 12.43 -9.65 -3.38
N LYS B 2 7.06 -8.52 -2.63
CA LYS B 2 5.76 -8.52 -1.96
C LYS B 2 5.74 -9.57 -0.83
N TYR B 3 5.44 -9.09 0.37
CA TYR B 3 5.36 -9.93 1.56
C TYR B 3 4.33 -9.33 2.47
N GLY B 4 3.23 -10.04 2.65
CA GLY B 4 2.19 -9.53 3.52
C GLY B 4 0.99 -10.44 3.47
N LEU B 5 -0.04 -10.08 4.24
CA LEU B 5 -1.25 -10.88 4.27
C LEU B 5 -2.23 -10.35 3.24
N GLN B 6 -2.46 -11.13 2.17
CA GLN B 6 -3.37 -10.75 1.08
C GLN B 6 -4.82 -11.20 1.32
N ASP B 7 -5.24 -11.21 2.60
CA ASP B 7 -6.60 -11.62 2.98
C ASP B 7 -7.69 -11.10 2.03
N HIS C 37 -13.35 3.75 -30.36
CA HIS C 37 -11.95 3.28 -30.08
C HIS C 37 -11.74 1.74 -30.16
N PRO C 38 -10.64 1.31 -30.82
CA PRO C 38 -10.21 -0.08 -31.06
C PRO C 38 -11.02 -1.21 -30.41
N ALA C 39 -10.89 -1.40 -29.10
CA ALA C 39 -11.65 -2.45 -28.45
C ALA C 39 -12.79 -1.86 -27.59
N GLY C 40 -13.74 -1.24 -28.27
CA GLY C 40 -14.89 -0.63 -27.60
C GLY C 40 -14.69 -0.20 -26.16
N ILE C 41 -13.96 0.90 -25.94
CA ILE C 41 -13.74 1.42 -24.59
C ILE C 41 -14.06 2.90 -24.52
N ILE C 42 -14.92 3.28 -23.58
CA ILE C 42 -15.30 4.68 -23.44
C ILE C 42 -14.77 5.34 -22.16
N LEU C 43 -14.10 6.47 -22.36
CA LEU C 43 -13.54 7.24 -21.26
C LEU C 43 -13.32 8.62 -21.83
N THR C 44 -14.19 9.55 -21.47
CA THR C 44 -14.06 10.88 -22.01
C THR C 44 -14.08 11.99 -21.00
N LYS C 45 -14.51 11.68 -19.79
CA LYS C 45 -14.53 12.72 -18.78
C LYS C 45 -13.15 13.37 -18.73
N VAL C 46 -13.07 14.70 -18.81
CA VAL C 46 -11.76 15.33 -18.71
C VAL C 46 -11.35 15.04 -17.28
N GLY C 47 -10.05 14.88 -17.05
CA GLY C 47 -9.57 14.58 -15.71
C GLY C 47 -9.25 13.11 -15.52
N TYR C 48 -9.99 12.23 -16.19
CA TYR C 48 -9.72 10.80 -16.04
C TYR C 48 -8.65 10.35 -17.00
N TYR C 49 -7.93 9.30 -16.62
CA TYR C 49 -6.83 8.75 -17.43
C TYR C 49 -6.70 7.26 -17.14
N THR C 50 -5.85 6.58 -17.90
CA THR C 50 -5.65 5.15 -17.71
C THR C 50 -4.21 4.75 -18.00
N ILE C 51 -3.77 3.70 -17.32
CA ILE C 51 -2.41 3.18 -17.48
C ILE C 51 -2.57 1.71 -17.80
N PRO C 52 -2.22 1.32 -19.03
CA PRO C 52 -1.70 2.20 -20.07
C PRO C 52 -2.76 3.15 -20.60
N SER C 53 -2.28 4.28 -21.11
CA SER C 53 -3.13 5.32 -21.68
C SER C 53 -4.12 4.72 -22.64
N MET C 54 -5.22 5.42 -22.86
CA MET C 54 -6.24 4.96 -23.80
C MET C 54 -5.55 4.56 -25.11
N ASP C 55 -4.56 5.36 -25.51
CA ASP C 55 -3.80 5.06 -26.72
C ASP C 55 -3.30 3.63 -26.69
N ASP C 56 -2.18 3.38 -26.02
CA ASP C 56 -1.64 2.03 -25.98
C ASP C 56 -2.80 1.01 -25.90
N LEU C 57 -3.79 1.28 -25.04
CA LEU C 57 -4.91 0.35 -24.91
C LEU C 57 -5.66 0.10 -26.21
N ALA C 58 -5.05 0.57 -27.30
CA ALA C 58 -5.58 0.38 -28.65
C ALA C 58 -4.69 -0.73 -29.22
N LYS C 59 -3.40 -0.40 -29.38
CA LYS C 59 -2.45 -1.36 -29.92
C LYS C 59 -2.33 -2.62 -29.03
N ILE C 60 -3.17 -2.70 -28.00
CA ILE C 60 -3.19 -3.88 -27.13
C ILE C 60 -4.39 -4.70 -27.63
N THR C 61 -5.43 -3.95 -28.03
CA THR C 61 -6.67 -4.52 -28.55
C THR C 61 -6.42 -5.14 -29.94
N ASN C 62 -7.32 -6.05 -30.32
CA ASN C 62 -7.25 -6.73 -31.62
C ASN C 62 -8.71 -6.79 -32.12
N GLU C 66 -10.90 -7.59 -29.14
CA GLU C 66 -11.16 -7.79 -27.71
C GLU C 66 -10.17 -6.81 -27.06
N CYS C 67 -9.87 -6.96 -25.77
CA CYS C 67 -8.92 -6.03 -25.16
C CYS C 67 -8.55 -6.27 -23.71
N ILE C 68 -7.99 -7.44 -23.41
CA ILE C 68 -7.59 -7.76 -22.04
C ILE C 68 -6.19 -7.23 -21.78
N VAL C 69 -6.08 -6.37 -20.76
CA VAL C 69 -4.78 -5.83 -20.42
C VAL C 69 -4.59 -5.90 -18.93
N SER C 70 -3.55 -6.63 -18.53
CA SER C 70 -3.22 -6.80 -17.11
C SER C 70 -2.73 -5.46 -16.52
N ASP C 71 -2.54 -5.43 -15.20
CA ASP C 71 -2.07 -4.22 -14.52
C ASP C 71 -2.73 -2.93 -15.04
N PHE C 72 -4.05 -2.98 -15.24
CA PHE C 72 -4.81 -1.82 -15.71
C PHE C 72 -4.99 -0.82 -14.59
N THR C 73 -4.89 0.47 -14.93
CA THR C 73 -5.03 1.54 -13.95
C THR C 73 -5.99 2.59 -14.49
N ILE C 74 -6.85 3.10 -13.62
CA ILE C 74 -7.79 4.16 -14.00
C ILE C 74 -7.84 5.17 -12.86
N GLY C 75 -7.77 6.45 -13.19
CA GLY C 75 -7.80 7.48 -12.15
C GLY C 75 -8.00 8.89 -12.66
N ARG C 76 -8.32 9.80 -11.74
CA ARG C 76 -8.51 11.20 -12.09
C ARG C 76 -7.56 12.03 -11.25
N LYS C 77 -6.71 12.82 -11.90
CA LYS C 77 -5.74 13.64 -11.20
C LYS C 77 -6.39 14.45 -10.10
N GLY C 78 -5.67 14.56 -8.98
CA GLY C 78 -6.15 15.31 -7.84
C GLY C 78 -7.15 14.59 -6.96
N TYR C 79 -7.85 13.61 -7.52
CA TYR C 79 -8.85 12.90 -6.75
C TYR C 79 -8.39 11.53 -6.29
N GLY C 80 -8.16 10.64 -7.24
CA GLY C 80 -7.71 9.31 -6.90
C GLY C 80 -7.47 8.42 -8.09
N SER C 81 -7.20 7.15 -7.80
CA SER C 81 -6.93 6.14 -8.81
C SER C 81 -7.34 4.75 -8.35
N ILE C 82 -7.40 3.80 -9.28
CA ILE C 82 -7.78 2.44 -8.98
C ILE C 82 -6.90 1.46 -9.71
N TYR C 83 -6.16 0.66 -8.97
CA TYR C 83 -5.26 -0.33 -9.56
C TYR C 83 -5.84 -1.72 -9.66
N PHE C 84 -5.82 -2.27 -10.87
CA PHE C 84 -6.31 -3.61 -11.13
C PHE C 84 -5.11 -4.45 -11.55
N GLU C 85 -4.60 -5.21 -10.60
CA GLU C 85 -3.43 -6.04 -10.85
C GLU C 85 -3.66 -7.18 -11.83
N GLY C 86 -2.85 -7.62 -12.57
CA GLY C 86 -3.07 -8.74 -13.46
C GLY C 86 -4.24 -8.58 -14.40
N ASP C 87 -4.45 -9.62 -15.21
CA ASP C 87 -5.51 -9.67 -16.23
C ASP C 87 -6.83 -9.04 -15.87
N VAL C 88 -7.17 -8.08 -16.84
CA VAL C 88 -8.46 -7.44 -16.64
C VAL C 88 -9.07 -7.34 -18.04
N ASN C 89 -10.36 -7.66 -18.17
CA ASN C 89 -11.02 -7.60 -19.47
C ASN C 89 -11.79 -6.29 -19.66
N LEU C 90 -11.24 -5.41 -20.49
CA LEU C 90 -11.87 -4.12 -20.76
C LEU C 90 -12.79 -4.15 -21.96
N THR C 91 -12.67 -5.23 -22.74
CA THR C 91 -13.45 -5.42 -23.97
C THR C 91 -14.39 -4.29 -24.36
N ASN C 92 -15.55 -4.21 -23.72
CA ASN C 92 -16.47 -3.14 -24.10
C ASN C 92 -17.01 -2.27 -22.99
N LEU C 93 -16.26 -2.16 -21.90
CA LEU C 93 -16.67 -1.33 -20.76
C LEU C 93 -16.74 0.15 -21.16
N ASN C 94 -17.74 0.84 -20.61
CA ASN C 94 -17.91 2.27 -20.84
C ASN C 94 -17.50 2.99 -19.56
N LEU C 95 -16.21 2.97 -19.27
CA LEU C 95 -15.65 3.60 -18.08
C LEU C 95 -16.39 4.87 -17.64
N ASP C 96 -16.68 5.76 -18.60
CA ASP C 96 -17.39 7.02 -18.29
C ASP C 96 -18.59 6.75 -17.36
N ASP C 97 -19.35 5.70 -17.66
CA ASP C 97 -20.52 5.39 -16.83
C ASP C 97 -20.21 4.47 -15.66
N ILE C 98 -19.17 3.68 -15.79
CA ILE C 98 -18.83 2.73 -14.74
C ILE C 98 -18.05 3.24 -13.56
N VAL C 99 -16.96 3.96 -13.83
CA VAL C 99 -16.12 4.44 -12.75
C VAL C 99 -16.16 5.94 -12.48
N HIS C 100 -16.39 6.27 -11.21
CA HIS C 100 -16.46 7.65 -10.76
C HIS C 100 -15.54 7.77 -9.56
N ILE C 101 -14.56 8.64 -9.68
CA ILE C 101 -13.59 8.85 -8.63
C ILE C 101 -13.74 10.26 -8.08
N ARG C 102 -14.39 10.41 -6.94
CA ARG C 102 -14.57 11.74 -6.39
C ARG C 102 -13.87 11.90 -5.05
N ARG C 103 -13.57 13.14 -4.71
CA ARG C 103 -12.90 13.42 -3.45
C ARG C 103 -13.39 12.48 -2.35
N LYS C 104 -12.44 11.76 -1.75
CA LYS C 104 -12.68 10.81 -0.66
C LYS C 104 -13.91 9.95 -0.81
N GLU C 105 -14.12 9.45 -2.03
CA GLU C 105 -15.26 8.60 -2.32
C GLU C 105 -15.10 8.10 -3.74
N VAL C 106 -14.85 6.81 -3.91
CA VAL C 106 -14.72 6.27 -5.26
C VAL C 106 -15.93 5.38 -5.39
N VAL C 107 -16.38 5.14 -6.62
CA VAL C 107 -17.53 4.28 -6.82
C VAL C 107 -17.43 3.58 -8.15
N VAL C 108 -17.61 2.26 -8.12
CA VAL C 108 -17.53 1.50 -9.37
C VAL C 108 -18.85 0.80 -9.60
N TYR C 109 -19.39 1.03 -10.79
CA TYR C 109 -20.68 0.48 -11.19
C TYR C 109 -21.79 1.20 -10.41
N LEU C 110 -22.44 2.14 -11.10
CA LEU C 110 -23.51 2.95 -10.53
C LEU C 110 -24.63 2.13 -9.89
N ASP C 111 -25.42 1.48 -10.75
CA ASP C 111 -26.49 0.63 -10.25
C ASP C 111 -26.09 -0.82 -10.59
N ASP C 112 -25.75 -1.56 -9.53
CA ASP C 112 -25.33 -2.95 -9.64
C ASP C 112 -26.14 -3.78 -10.66
N ASN C 113 -27.17 -3.17 -11.24
CA ASN C 113 -27.98 -3.84 -12.26
C ASN C 113 -26.98 -4.32 -13.31
N GLN C 114 -25.81 -3.66 -13.35
CA GLN C 114 -24.77 -4.03 -14.30
C GLN C 114 -23.64 -4.77 -13.60
N LYS C 115 -23.35 -4.38 -12.35
CA LYS C 115 -22.27 -5.00 -11.58
C LYS C 115 -22.21 -6.47 -11.99
N PRO C 116 -21.38 -6.77 -13.01
CA PRO C 116 -21.19 -8.11 -13.55
C PRO C 116 -20.87 -9.15 -12.48
N PRO C 117 -20.78 -10.42 -12.89
CA PRO C 117 -20.47 -11.44 -11.90
C PRO C 117 -19.13 -11.04 -11.25
N VAL C 118 -19.06 -11.09 -9.92
CA VAL C 118 -17.81 -10.74 -9.25
C VAL C 118 -16.68 -11.50 -9.93
N GLY C 119 -15.76 -10.76 -10.55
CA GLY C 119 -14.64 -11.35 -11.25
C GLY C 119 -14.62 -10.78 -12.65
N GLU C 120 -15.81 -10.68 -13.24
CA GLU C 120 -15.96 -10.11 -14.57
C GLU C 120 -15.72 -8.60 -14.54
N GLY C 121 -15.40 -8.03 -15.68
CA GLY C 121 -15.15 -6.59 -15.77
C GLY C 121 -14.43 -6.02 -14.57
N LEU C 122 -14.73 -4.77 -14.22
CA LEU C 122 -14.09 -4.14 -13.09
C LEU C 122 -14.67 -4.53 -11.75
N ASN C 123 -15.64 -5.44 -11.74
CA ASN C 123 -16.20 -5.81 -10.46
C ASN C 123 -15.27 -6.71 -9.66
N ARG C 124 -14.08 -6.97 -10.20
CA ARG C 124 -13.10 -7.80 -9.49
C ARG C 124 -12.54 -7.01 -8.31
N LYS C 125 -11.42 -7.48 -7.75
CA LYS C 125 -10.80 -6.80 -6.61
C LYS C 125 -9.87 -5.75 -7.18
N ALA C 126 -9.39 -4.85 -6.32
CA ALA C 126 -8.48 -3.80 -6.77
C ALA C 126 -8.02 -2.91 -5.63
N GLU C 127 -7.01 -2.09 -5.92
CA GLU C 127 -6.47 -1.19 -4.92
C GLU C 127 -7.00 0.19 -5.22
N VAL C 128 -7.46 0.87 -4.19
CA VAL C 128 -8.01 2.19 -4.37
C VAL C 128 -7.15 3.20 -3.64
N THR C 129 -6.97 4.35 -4.26
CA THR C 129 -6.20 5.41 -3.65
C THR C 129 -7.04 6.67 -3.81
N LEU C 130 -7.37 7.30 -2.70
CA LEU C 130 -8.14 8.52 -2.74
C LEU C 130 -7.21 9.59 -2.22
N ASP C 131 -6.80 10.49 -3.10
CA ASP C 131 -5.88 11.53 -2.70
C ASP C 131 -6.66 12.70 -2.17
N GLY C 132 -5.97 13.61 -1.49
CA GLY C 132 -6.63 14.78 -0.95
C GLY C 132 -7.34 14.52 0.35
N VAL C 133 -7.64 13.26 0.67
CA VAL C 133 -8.32 12.98 1.92
C VAL C 133 -7.58 13.61 3.08
N TRP C 134 -8.27 14.47 3.81
CA TRP C 134 -7.72 15.17 4.97
C TRP C 134 -8.93 15.55 5.78
N PRO C 135 -8.78 15.70 7.09
CA PRO C 135 -9.95 16.09 7.87
C PRO C 135 -9.88 17.59 8.05
N THR C 136 -10.96 18.19 8.53
CA THR C 136 -10.99 19.63 8.75
C THR C 136 -11.58 19.91 10.12
N ASP C 137 -11.00 20.86 10.87
CA ASP C 137 -11.52 21.16 12.20
C ASP C 137 -12.82 21.97 12.20
N LYS C 138 -13.66 21.72 13.22
CA LYS C 138 -14.94 22.42 13.35
C LYS C 138 -14.73 23.94 13.38
N THR C 139 -13.77 24.40 14.19
CA THR C 139 -13.49 25.82 14.32
C THR C 139 -12.95 26.49 13.03
N SER C 140 -11.72 26.16 12.65
CA SER C 140 -11.10 26.77 11.47
C SER C 140 -11.71 26.45 10.11
N ARG C 141 -12.23 25.22 9.96
CA ARG C 141 -12.79 24.84 8.67
C ARG C 141 -11.64 25.10 7.69
N CYS C 142 -10.44 24.64 8.05
CA CYS C 142 -9.28 24.86 7.19
C CYS C 142 -8.50 23.62 6.76
N LEU C 143 -9.01 22.43 7.03
CA LEU C 143 -8.29 21.21 6.64
C LEU C 143 -7.09 21.01 7.54
N ILE C 144 -6.87 19.77 7.93
CA ILE C 144 -5.75 19.43 8.78
C ILE C 144 -4.71 18.61 8.00
N LYS C 145 -3.59 19.28 7.70
CA LYS C 145 -2.51 18.65 6.96
C LYS C 145 -1.27 18.33 7.81
N SER C 146 -0.98 19.14 8.82
CA SER C 146 0.17 18.87 9.67
C SER C 146 0.24 17.39 10.00
N PRO C 147 1.25 16.70 9.47
CA PRO C 147 1.41 15.26 9.72
C PRO C 147 1.34 14.99 11.20
N ASP C 148 1.75 15.98 11.99
CA ASP C 148 1.72 15.87 13.46
C ASP C 148 0.29 15.82 14.02
N ARG C 149 -0.46 16.90 13.75
CA ARG C 149 -1.85 16.98 14.18
C ARG C 149 -2.56 15.70 13.75
N LEU C 150 -2.38 15.35 12.48
CA LEU C 150 -3.01 14.15 11.95
C LEU C 150 -2.65 12.99 12.86
N ALA C 151 -1.35 12.76 13.01
CA ALA C 151 -0.83 11.67 13.84
C ALA C 151 -1.47 11.76 15.20
N ASP C 152 -1.48 12.98 15.72
CA ASP C 152 -2.05 13.25 17.01
C ASP C 152 -3.55 12.85 17.11
N ILE C 153 -4.35 13.24 16.14
CA ILE C 153 -5.77 12.89 16.20
C ILE C 153 -6.02 11.54 15.55
N ASN C 154 -4.92 10.81 15.30
CA ASN C 154 -4.94 9.50 14.66
C ASN C 154 -5.93 9.38 13.50
N TYR C 155 -5.78 10.27 12.52
CA TYR C 155 -6.65 10.26 11.36
C TYR C 155 -6.59 8.90 10.67
N GLU C 156 -5.39 8.33 10.56
CA GLU C 156 -5.23 7.02 9.94
C GLU C 156 -6.26 6.11 10.57
N GLY C 157 -6.28 6.16 11.91
CA GLY C 157 -7.20 5.34 12.67
C GLY C 157 -8.56 5.32 12.02
N ARG C 158 -9.18 6.50 11.97
CA ARG C 158 -10.49 6.65 11.37
C ARG C 158 -10.48 6.05 9.96
N LEU C 159 -9.63 6.60 9.10
CA LEU C 159 -9.58 6.10 7.74
C LEU C 159 -9.43 4.58 7.68
N GLU C 160 -8.53 4.04 8.49
CA GLU C 160 -8.30 2.60 8.50
C GLU C 160 -9.57 1.92 8.96
N ALA C 161 -10.14 2.42 10.05
CA ALA C 161 -11.37 1.86 10.58
C ALA C 161 -12.40 1.86 9.44
N VAL C 162 -12.72 3.06 8.98
CA VAL C 162 -13.69 3.20 7.89
C VAL C 162 -13.54 2.09 6.85
N SER C 163 -12.32 1.92 6.34
CA SER C 163 -12.13 0.90 5.31
C SER C 163 -12.47 -0.48 5.84
N ARG C 164 -12.21 -0.69 7.12
CA ARG C 164 -12.53 -1.99 7.71
C ARG C 164 -14.04 -2.23 7.74
N LYS C 165 -14.79 -1.23 8.22
CA LYS C 165 -16.24 -1.39 8.25
C LYS C 165 -16.75 -1.63 6.83
N GLN C 166 -16.24 -0.88 5.86
CA GLN C 166 -16.70 -1.05 4.48
C GLN C 166 -16.35 -2.40 3.88
N GLY C 167 -15.60 -3.20 4.63
CA GLY C 167 -15.20 -4.51 4.13
C GLY C 167 -14.02 -4.38 3.18
N ALA C 168 -13.13 -3.44 3.49
CA ALA C 168 -11.95 -3.21 2.66
C ALA C 168 -10.69 -3.45 3.48
N GLN C 169 -9.56 -3.49 2.79
CA GLN C 169 -8.27 -3.72 3.44
C GLN C 169 -7.42 -2.45 3.47
N PHE C 170 -7.43 -1.77 4.61
CA PHE C 170 -6.65 -0.56 4.72
C PHE C 170 -5.18 -0.79 4.48
N LYS C 171 -4.61 -0.16 3.46
CA LYS C 171 -3.20 -0.32 3.19
C LYS C 171 -2.40 0.79 3.83
N GLU C 172 -2.76 2.04 3.60
CA GLU C 172 -1.99 3.12 4.21
C GLU C 172 -2.63 4.50 4.07
N TYR C 173 -2.02 5.49 4.72
CA TYR C 173 -2.47 6.87 4.65
C TYR C 173 -1.23 7.75 4.56
N ARG C 174 -1.00 8.34 3.39
CA ARG C 174 0.15 9.21 3.18
C ARG C 174 -0.31 10.65 3.34
N PRO C 175 0.03 11.28 4.48
CA PRO C 175 -0.30 12.65 4.83
C PRO C 175 0.11 13.70 3.81
N GLU C 176 1.36 13.70 3.42
CA GLU C 176 1.84 14.70 2.46
C GLU C 176 0.79 14.96 1.38
N THR C 177 0.23 13.90 0.84
CA THR C 177 -0.76 14.04 -0.22
C THR C 177 -2.17 13.70 0.21
N GLY C 178 -2.34 13.28 1.46
CA GLY C 178 -3.67 12.90 1.93
C GLY C 178 -4.16 11.75 1.07
N SER C 179 -3.31 10.75 0.93
CA SER C 179 -3.63 9.58 0.13
C SER C 179 -4.07 8.43 1.01
N TRP C 180 -5.30 8.00 0.80
CA TRP C 180 -5.84 6.91 1.57
C TRP C 180 -5.98 5.75 0.59
N VAL C 181 -5.24 4.68 0.84
CA VAL C 181 -5.28 3.52 -0.02
C VAL C 181 -5.81 2.31 0.73
N PHE C 182 -6.52 1.45 0.03
CA PHE C 182 -7.10 0.25 0.62
C PHE C 182 -7.50 -0.74 -0.47
N LYS C 183 -7.55 -2.03 -0.13
CA LYS C 183 -7.94 -3.04 -1.10
C LYS C 183 -9.42 -3.36 -0.98
N VAL C 184 -10.03 -3.66 -2.11
CA VAL C 184 -11.43 -4.02 -2.13
C VAL C 184 -11.45 -5.29 -2.96
N SER C 185 -12.20 -6.27 -2.49
CA SER C 185 -12.29 -7.52 -3.22
C SER C 185 -13.19 -7.32 -4.43
N HIS C 186 -14.22 -6.49 -4.28
CA HIS C 186 -15.13 -6.19 -5.38
C HIS C 186 -15.86 -4.89 -5.08
N PHE C 187 -16.58 -4.38 -6.08
CA PHE C 187 -17.31 -3.12 -5.93
C PHE C 187 -18.83 -3.33 -5.94
N LYS D 2 -19.30 1.26 -4.50
CA LYS D 2 -19.15 2.51 -3.68
C LYS D 2 -18.35 2.38 -2.37
N TYR D 3 -17.30 3.19 -2.24
CA TYR D 3 -16.43 3.22 -1.06
C TYR D 3 -15.94 4.65 -0.83
N GLY D 4 -15.64 5.00 0.42
CA GLY D 4 -15.15 6.34 0.72
C GLY D 4 -15.44 6.77 2.14
N LEU D 5 -15.33 8.08 2.41
CA LEU D 5 -15.61 8.62 3.74
C LEU D 5 -16.82 9.59 3.62
N GLN D 6 -17.97 9.15 4.13
CA GLN D 6 -19.23 9.91 4.08
C GLN D 6 -19.48 10.65 5.42
N ASP D 7 -19.23 11.96 5.44
CA ASP D 7 -19.40 12.82 6.64
C ASP D 7 -18.59 14.13 6.54
#